data_6EQ4
#
_entry.id   6EQ4
#
_cell.length_a   60.673
_cell.length_b   65.939
_cell.length_c   35.887
_cell.angle_alpha   90.00
_cell.angle_beta   90.00
_cell.angle_gamma   90.00
#
_symmetry.space_group_name_H-M   'P 21 21 2'
#
loop_
_entity.id
_entity.type
_entity.pdbx_description
1 polymer '7,8-dihydro-8-oxoguanine triphosphatase'
2 non-polymer 4-(3-fluoranylpyridin-4-yl)-1~{H}-pyrrolo[2,3-b]pyridine
3 non-polymer 'SULFATE ION'
4 water water
#
_entity_poly.entity_id   1
_entity_poly.type   'polypeptide(L)'
_entity_poly.pdbx_seq_one_letter_code
;MKHHHHHHPMSDYDIPTTENLYFQGAMGASRLYTLVLVLQPQRVLLGMKKRGFGAGRWNGFGGKVQEGETIEDGARRELQ
EESGLTVDALHKVGQIVFEFVGEPELMDVHVFCTDSIQGTPVESDEMRPCWFQLDQIPFKDMWPDDSYWFPLLLQKKKFH
GYFKFQGQDTILDYTLREVDTV
;
_entity_poly.pdbx_strand_id   A
#
loop_
_chem_comp.id
_chem_comp.type
_chem_comp.name
_chem_comp.formula
BSW non-polymer 4-(3-fluoranylpyridin-4-yl)-1~{H}-pyrrolo[2,3-b]pyridine 'C12 H8 F N3'
SO4 non-polymer 'SULFATE ION' 'O4 S -2'
#
# COMPACT_ATOMS: atom_id res chain seq x y z
N ALA A 29 5.70 -13.95 -14.61
CA ALA A 29 4.84 -14.69 -13.69
C ALA A 29 4.18 -13.79 -12.64
N SER A 30 4.67 -12.55 -12.54
CA SER A 30 4.13 -11.59 -11.58
C SER A 30 3.92 -10.25 -12.27
N ARG A 31 2.99 -9.47 -11.75
CA ARG A 31 2.64 -8.15 -12.28
C ARG A 31 3.03 -7.12 -11.23
N LEU A 32 3.69 -6.04 -11.65
CA LEU A 32 4.16 -5.01 -10.73
C LEU A 32 3.05 -4.05 -10.31
N TYR A 33 2.97 -3.79 -9.01
CA TYR A 33 2.12 -2.77 -8.43
C TYR A 33 2.92 -1.94 -7.45
N THR A 34 2.41 -0.75 -7.18
CA THR A 34 2.98 0.12 -6.15
C THR A 34 1.96 0.38 -5.04
N LEU A 35 2.48 0.78 -3.88
CA LEU A 35 1.65 1.16 -2.75
C LEU A 35 2.42 2.20 -1.95
N VAL A 36 1.82 3.37 -1.73
CA VAL A 36 2.45 4.49 -1.03
C VAL A 36 1.67 4.80 0.22
N LEU A 37 2.38 4.86 1.33
CA LEU A 37 1.84 5.30 2.62
C LEU A 37 2.47 6.62 3.00
N VAL A 38 1.63 7.65 3.19
CA VAL A 38 2.06 8.95 3.69
C VAL A 38 1.98 8.85 5.20
N LEU A 39 3.14 8.67 5.82
CA LEU A 39 3.23 8.32 7.23
C LEU A 39 4.03 9.40 7.94
N GLN A 40 3.36 10.15 8.80
CA GLN A 40 3.94 11.22 9.56
C GLN A 40 3.99 10.81 11.03
N PRO A 41 4.68 11.58 11.90
CA PRO A 41 4.92 11.09 13.25
C PRO A 41 3.68 10.63 14.02
N GLN A 42 2.55 11.31 13.86
CA GLN A 42 1.37 10.90 14.61
C GLN A 42 0.16 10.49 13.78
N ARG A 43 0.26 10.51 12.44
CA ARG A 43 -0.89 10.21 11.61
C ARG A 43 -0.44 9.56 10.31
N VAL A 44 -1.35 8.83 9.69
CA VAL A 44 -1.10 8.20 8.38
C VAL A 44 -2.31 8.47 7.48
N LEU A 45 -2.06 8.69 6.19
CA LEU A 45 -3.14 8.92 5.24
C LEU A 45 -3.53 7.60 4.58
N LEU A 46 -4.81 7.28 4.59
CA LEU A 46 -5.33 6.14 3.88
C LEU A 46 -6.45 6.60 2.97
N GLY A 47 -6.77 5.79 1.97
CA GLY A 47 -7.88 6.11 1.07
C GLY A 47 -8.83 4.93 0.97
N MET A 48 -10.12 5.23 0.94
CA MET A 48 -11.17 4.24 0.77
C MET A 48 -11.49 4.15 -0.71
N LYS A 49 -11.15 3.03 -1.34
CA LYS A 49 -11.35 2.86 -2.76
C LYS A 49 -12.83 2.61 -3.05
N LYS A 50 -13.38 3.31 -4.05
CA LYS A 50 -14.81 3.27 -4.29
C LYS A 50 -15.23 2.21 -5.29
N ARG A 51 -14.36 1.84 -6.23
CA ARG A 51 -14.74 0.89 -7.25
C ARG A 51 -13.53 0.04 -7.61
N GLY A 52 -13.79 -1.06 -8.34
CA GLY A 52 -12.71 -1.90 -8.79
C GLY A 52 -12.16 -2.80 -7.71
N PHE A 53 -10.94 -3.25 -7.94
CA PHE A 53 -10.33 -4.27 -7.09
C PHE A 53 -9.91 -3.65 -5.76
N GLY A 54 -10.43 -4.20 -4.67
CA GLY A 54 -10.16 -3.65 -3.35
C GLY A 54 -11.17 -2.64 -2.87
N ALA A 55 -12.24 -2.41 -3.63
CA ALA A 55 -13.19 -1.39 -3.26
C ALA A 55 -13.77 -1.70 -1.88
N GLY A 56 -13.96 -0.66 -1.09
CA GLY A 56 -14.53 -0.79 0.22
C GLY A 56 -13.54 -1.01 1.34
N ARG A 57 -12.25 -1.04 1.04
CA ARG A 57 -11.23 -1.15 2.06
C ARG A 57 -10.36 0.09 2.04
N TRP A 58 -9.93 0.48 3.23
CA TRP A 58 -8.91 1.51 3.38
C TRP A 58 -7.56 0.94 2.97
N ASN A 59 -6.74 1.74 2.30
CA ASN A 59 -5.44 1.28 1.83
C ASN A 59 -4.57 2.51 1.53
N GLY A 60 -3.29 2.26 1.25
CA GLY A 60 -2.47 3.30 0.65
C GLY A 60 -2.84 3.49 -0.80
N PHE A 61 -2.05 4.29 -1.49
CA PHE A 61 -2.33 4.74 -2.84
C PHE A 61 -1.38 4.06 -3.82
N GLY A 62 -1.91 3.51 -4.89
CA GLY A 62 -1.01 2.86 -5.83
C GLY A 62 -1.76 2.21 -6.96
N GLY A 63 -1.03 1.47 -7.75
CA GLY A 63 -1.64 0.75 -8.86
C GLY A 63 -0.55 0.15 -9.73
N LYS A 64 -0.91 -0.16 -10.96
CA LYS A 64 -0.01 -0.83 -11.87
C LYS A 64 1.07 0.08 -12.39
N VAL A 65 2.23 -0.48 -12.58
CA VAL A 65 3.36 0.25 -13.17
C VAL A 65 3.30 0.15 -14.68
N GLN A 66 3.61 1.21 -15.37
CA GLN A 66 3.46 1.26 -16.82
C GLN A 66 4.74 0.88 -17.54
N GLU A 67 4.58 0.61 -18.84
CA GLU A 67 5.73 0.31 -19.69
C GLU A 67 6.65 1.51 -19.77
N GLY A 68 7.96 1.28 -19.61
CA GLY A 68 8.93 2.35 -19.71
C GLY A 68 9.03 3.24 -18.50
N GLU A 69 8.33 2.92 -17.42
CA GLU A 69 8.31 3.72 -16.22
C GLU A 69 9.01 2.94 -15.12
N THR A 70 9.84 3.61 -14.32
CA THR A 70 10.40 2.93 -13.15
C THR A 70 9.32 2.71 -12.10
N ILE A 71 9.57 1.75 -11.21
CA ILE A 71 8.60 1.47 -10.15
C ILE A 71 8.38 2.72 -9.30
N GLU A 72 9.46 3.42 -8.94
CA GLU A 72 9.29 4.59 -8.09
C GLU A 72 8.54 5.71 -8.81
N ASP A 73 8.82 5.90 -10.11
CA ASP A 73 8.05 6.88 -10.87
C ASP A 73 6.57 6.50 -10.92
N GLY A 74 6.27 5.21 -11.09
CA GLY A 74 4.88 4.80 -11.04
C GLY A 74 4.22 5.03 -9.70
N ALA A 75 4.97 4.82 -8.61
CA ALA A 75 4.46 5.11 -7.27
C ALA A 75 4.10 6.57 -7.13
N ARG A 76 5.00 7.47 -7.55
CA ARG A 76 4.73 8.89 -7.50
C ARG A 76 3.51 9.25 -8.33
N ARG A 77 3.42 8.71 -9.55
CA ARG A 77 2.28 9.01 -10.42
C ARG A 77 0.96 8.57 -9.80
N GLU A 78 0.92 7.35 -9.25
CA GLU A 78 -0.31 6.84 -8.67
C GLU A 78 -0.72 7.62 -7.43
N LEU A 79 0.24 8.06 -6.60
CA LEU A 79 -0.13 8.90 -5.48
C LEU A 79 -0.88 10.15 -5.95
N GLN A 80 -0.38 10.81 -7.00
CA GLN A 80 -1.08 11.98 -7.53
C GLN A 80 -2.45 11.62 -8.07
N GLU A 81 -2.52 10.61 -8.93
CA GLU A 81 -3.79 10.23 -9.54
C GLU A 81 -4.85 9.94 -8.49
N GLU A 82 -4.47 9.23 -7.42
CA GLU A 82 -5.48 8.74 -6.47
C GLU A 82 -5.73 9.66 -5.30
N SER A 83 -4.78 10.54 -4.95
CA SER A 83 -4.93 11.36 -3.77
C SER A 83 -4.80 12.85 -4.03
N GLY A 84 -4.30 13.25 -5.20
CA GLY A 84 -4.02 14.64 -5.48
C GLY A 84 -2.73 15.16 -4.88
N LEU A 85 -1.92 14.30 -4.27
CA LEU A 85 -0.72 14.76 -3.56
C LEU A 85 0.53 14.56 -4.41
N THR A 86 1.46 15.50 -4.26
CA THR A 86 2.75 15.43 -4.91
C THR A 86 3.78 15.00 -3.88
N VAL A 87 4.49 13.93 -4.19
CA VAL A 87 5.66 13.49 -3.43
C VAL A 87 6.89 13.64 -4.30
N ASP A 88 8.01 14.02 -3.69
CA ASP A 88 9.31 13.95 -4.35
C ASP A 88 9.94 12.60 -4.04
N ALA A 89 10.88 12.56 -3.11
CA ALA A 89 11.58 11.32 -2.80
C ALA A 89 10.65 10.34 -2.07
N LEU A 90 10.71 9.10 -2.49
CA LEU A 90 9.97 8.04 -1.83
C LEU A 90 10.97 7.07 -1.24
N HIS A 91 10.65 6.51 -0.08
CA HIS A 91 11.55 5.55 0.58
C HIS A 91 10.98 4.16 0.43
N LYS A 92 11.81 3.23 -0.05
CA LYS A 92 11.37 1.85 -0.17
C LYS A 92 11.23 1.26 1.21
N VAL A 93 10.10 0.63 1.48
CA VAL A 93 9.92 0.00 2.79
C VAL A 93 9.55 -1.46 2.71
N GLY A 94 8.98 -1.95 1.62
CA GLY A 94 8.65 -3.36 1.58
C GLY A 94 8.39 -3.87 0.18
N GLN A 95 8.31 -5.18 0.09
CA GLN A 95 7.85 -5.85 -1.11
C GLN A 95 6.95 -6.97 -0.61
N ILE A 96 5.73 -7.05 -1.16
CA ILE A 96 4.79 -8.11 -0.80
C ILE A 96 4.31 -8.75 -2.08
N VAL A 97 4.41 -10.07 -2.15
CA VAL A 97 3.88 -10.84 -3.27
C VAL A 97 2.57 -11.49 -2.84
N PHE A 98 1.50 -11.27 -3.61
CA PHE A 98 0.21 -11.87 -3.33
C PHE A 98 -0.10 -12.93 -4.36
N GLU A 99 -0.51 -14.09 -3.87
CA GLU A 99 -1.08 -15.14 -4.69
C GLU A 99 -2.55 -15.24 -4.32
N PHE A 100 -3.42 -15.22 -5.32
CA PHE A 100 -4.84 -15.54 -5.13
C PHE A 100 -5.05 -16.90 -5.78
N VAL A 101 -5.38 -17.92 -4.98
CA VAL A 101 -5.49 -19.26 -5.55
C VAL A 101 -6.50 -19.25 -6.67
N GLY A 102 -6.17 -19.95 -7.75
CA GLY A 102 -7.01 -19.98 -8.94
C GLY A 102 -6.78 -18.86 -9.93
N GLU A 103 -5.95 -17.88 -9.60
CA GLU A 103 -5.56 -16.81 -10.50
C GLU A 103 -4.09 -16.99 -10.87
N PRO A 104 -3.74 -17.00 -12.15
CA PRO A 104 -2.37 -17.36 -12.49
C PRO A 104 -1.34 -16.28 -12.17
N GLU A 105 -1.69 -15.01 -12.24
CA GLU A 105 -0.69 -13.97 -12.07
C GLU A 105 -0.51 -13.60 -10.60
N LEU A 106 0.74 -13.63 -10.13
CA LEU A 106 1.07 -13.08 -8.81
C LEU A 106 1.11 -11.56 -8.88
N MET A 107 0.81 -10.93 -7.76
CA MET A 107 0.84 -9.46 -7.67
C MET A 107 2.05 -9.06 -6.83
N ASP A 108 3.01 -8.38 -7.45
CA ASP A 108 4.29 -8.03 -6.81
C ASP A 108 4.20 -6.57 -6.40
N VAL A 109 3.85 -6.33 -5.13
CA VAL A 109 3.55 -4.96 -4.66
C VAL A 109 4.78 -4.35 -4.00
N HIS A 110 5.24 -3.24 -4.54
CA HIS A 110 6.38 -2.51 -3.98
C HIS A 110 5.88 -1.36 -3.15
N VAL A 111 6.19 -1.41 -1.86
CA VAL A 111 5.63 -0.49 -0.86
C VAL A 111 6.64 0.60 -0.56
N PHE A 112 6.16 1.84 -0.50
CA PHE A 112 6.97 3.01 -0.26
C PHE A 112 6.33 3.87 0.81
N CYS A 113 7.15 4.64 1.51
N CYS A 113 7.13 4.65 1.52
N CYS A 113 7.15 4.69 1.46
CA CYS A 113 6.68 5.63 2.46
CA CYS A 113 6.57 5.64 2.43
CA CYS A 113 6.71 5.61 2.49
C CYS A 113 7.21 7.01 2.12
C CYS A 113 7.22 6.99 2.19
C CYS A 113 7.26 7.00 2.23
N THR A 114 6.51 8.01 2.65
CA THR A 114 6.99 9.39 2.66
C THR A 114 6.36 10.08 3.85
N ASP A 115 7.09 11.04 4.43
CA ASP A 115 6.50 11.92 5.44
C ASP A 115 6.24 13.33 4.94
N SER A 116 6.52 13.62 3.68
CA SER A 116 6.56 14.99 3.15
C SER A 116 5.80 15.04 1.84
N ILE A 117 4.68 15.75 1.84
CA ILE A 117 3.84 15.85 0.65
C ILE A 117 3.45 17.30 0.42
N GLN A 118 2.95 17.56 -0.79
CA GLN A 118 2.37 18.85 -1.11
C GLN A 118 0.99 18.63 -1.68
N GLY A 119 0.09 19.57 -1.41
CA GLY A 119 -1.30 19.42 -1.80
C GLY A 119 -2.16 19.02 -0.62
N THR A 120 -3.46 19.13 -0.83
CA THR A 120 -4.47 18.68 0.12
C THR A 120 -5.12 17.43 -0.45
N PRO A 121 -5.32 16.38 0.35
CA PRO A 121 -5.94 15.18 -0.20
C PRO A 121 -7.29 15.48 -0.81
N VAL A 122 -7.52 14.91 -1.98
CA VAL A 122 -8.68 15.19 -2.83
C VAL A 122 -9.59 13.97 -2.81
N GLU A 123 -10.88 14.16 -2.50
CA GLU A 123 -11.85 13.09 -2.73
C GLU A 123 -12.35 13.12 -4.17
N SER A 124 -12.44 11.96 -4.77
CA SER A 124 -12.89 11.81 -6.15
C SER A 124 -13.88 10.66 -6.26
N ASP A 125 -14.38 10.42 -7.48
CA ASP A 125 -15.23 9.27 -7.73
C ASP A 125 -14.51 7.94 -7.50
N GLU A 126 -13.20 7.94 -7.41
CA GLU A 126 -12.47 6.69 -7.23
C GLU A 126 -11.99 6.48 -5.81
N MET A 127 -11.89 7.54 -5.00
CA MET A 127 -11.12 7.42 -3.76
C MET A 127 -11.56 8.47 -2.75
N ARG A 128 -11.72 8.06 -1.48
CA ARG A 128 -12.01 8.94 -0.35
C ARG A 128 -10.86 8.92 0.65
N PRO A 129 -10.03 9.95 0.69
N PRO A 129 -9.93 9.88 0.61
CA PRO A 129 -8.92 9.98 1.64
CA PRO A 129 -8.81 9.88 1.56
C PRO A 129 -9.37 10.35 3.04
C PRO A 129 -9.18 10.46 2.92
N CYS A 130 -8.56 9.92 3.98
CA CYS A 130 -8.73 10.39 5.34
C CYS A 130 -7.46 10.15 6.13
N TRP A 131 -7.11 11.10 7.01
CA TRP A 131 -6.00 10.92 7.94
C TRP A 131 -6.46 10.13 9.15
N PHE A 132 -5.57 9.29 9.68
CA PHE A 132 -5.85 8.48 10.87
C PHE A 132 -4.74 8.66 11.88
N GLN A 133 -5.12 8.79 13.15
CA GLN A 133 -4.12 8.65 14.21
C GLN A 133 -3.60 7.22 14.23
N LEU A 134 -2.33 7.06 14.62
CA LEU A 134 -1.67 5.77 14.47
C LEU A 134 -2.35 4.67 15.30
N ASP A 135 -2.91 5.01 16.47
N ASP A 135 -2.91 5.01 16.46
CA ASP A 135 -3.60 4.02 17.27
CA ASP A 135 -3.60 4.01 17.27
C ASP A 135 -5.07 3.82 16.86
C ASP A 135 -4.97 3.65 16.72
N GLN A 136 -5.49 4.39 15.73
CA GLN A 136 -6.83 4.18 15.22
C GLN A 136 -6.82 3.68 13.78
N ILE A 137 -5.74 3.02 13.38
CA ILE A 137 -5.71 2.48 12.03
C ILE A 137 -6.79 1.42 11.87
N PRO A 138 -7.60 1.50 10.82
CA PRO A 138 -8.86 0.72 10.73
C PRO A 138 -8.67 -0.69 10.19
N PHE A 139 -7.93 -1.52 10.94
CA PHE A 139 -7.53 -2.83 10.43
C PHE A 139 -8.72 -3.72 10.02
N LYS A 140 -9.85 -3.60 10.72
CA LYS A 140 -10.98 -4.44 10.37
C LYS A 140 -11.56 -4.09 9.01
N ASP A 141 -11.27 -2.89 8.51
CA ASP A 141 -11.76 -2.44 7.21
C ASP A 141 -10.62 -2.27 6.20
N MET A 142 -9.56 -3.04 6.37
CA MET A 142 -8.40 -3.10 5.49
C MET A 142 -8.21 -4.53 5.03
N TRP A 143 -7.39 -4.73 4.01
CA TRP A 143 -7.02 -6.08 3.63
C TRP A 143 -6.43 -6.78 4.86
N PRO A 144 -6.69 -8.07 5.05
CA PRO A 144 -6.27 -8.70 6.31
C PRO A 144 -4.77 -8.84 6.47
N ASP A 145 -4.00 -8.88 5.39
CA ASP A 145 -2.56 -8.96 5.53
C ASP A 145 -1.97 -7.70 6.16
N ASP A 146 -2.67 -6.56 6.04
CA ASP A 146 -2.14 -5.32 6.58
C ASP A 146 -1.91 -5.42 8.07
N SER A 147 -2.69 -6.25 8.76
CA SER A 147 -2.51 -6.41 10.20
C SER A 147 -1.14 -6.98 10.51
N TYR A 148 -0.52 -7.69 9.58
CA TYR A 148 0.80 -8.27 9.80
C TYR A 148 1.92 -7.26 9.50
N TRP A 149 1.86 -6.56 8.37
CA TRP A 149 3.00 -5.75 7.96
C TRP A 149 2.88 -4.27 8.30
N PHE A 150 1.65 -3.74 8.44
CA PHE A 150 1.53 -2.32 8.74
C PHE A 150 2.20 -1.96 10.07
N PRO A 151 2.10 -2.77 11.13
CA PRO A 151 2.83 -2.46 12.34
C PRO A 151 4.34 -2.41 12.17
N LEU A 152 4.91 -3.18 11.22
CA LEU A 152 6.34 -3.05 10.95
C LEU A 152 6.64 -1.71 10.34
N LEU A 153 5.81 -1.25 9.40
N LEU A 153 5.81 -1.26 9.39
CA LEU A 153 5.99 0.08 8.83
CA LEU A 153 5.98 0.05 8.80
C LEU A 153 5.93 1.14 9.92
C LEU A 153 5.88 1.16 9.84
N LEU A 154 4.98 1.02 10.84
CA LEU A 154 4.85 2.05 11.87
C LEU A 154 6.09 2.14 12.73
N GLN A 155 6.82 1.05 12.91
CA GLN A 155 8.04 1.03 13.68
C GLN A 155 9.27 1.18 12.81
N LYS A 156 9.09 1.60 11.55
CA LYS A 156 10.20 1.94 10.65
C LYS A 156 11.05 0.72 10.32
N LYS A 157 10.40 -0.43 10.19
CA LYS A 157 11.07 -1.63 9.73
C LYS A 157 10.74 -1.85 8.27
N LYS A 158 11.61 -2.59 7.59
CA LYS A 158 11.43 -2.95 6.19
C LYS A 158 11.20 -4.45 6.08
N PHE A 159 10.51 -4.89 5.03
CA PHE A 159 10.05 -6.27 5.01
C PHE A 159 9.90 -6.84 3.60
N HIS A 160 9.97 -8.16 3.54
CA HIS A 160 9.57 -8.94 2.38
C HIS A 160 8.49 -9.90 2.83
N GLY A 161 7.36 -9.91 2.13
CA GLY A 161 6.26 -10.77 2.48
C GLY A 161 5.69 -11.49 1.29
N TYR A 162 5.02 -12.60 1.60
N TYR A 162 5.00 -12.61 1.58
CA TYR A 162 4.24 -13.37 0.66
CA TYR A 162 4.26 -13.38 0.57
C TYR A 162 2.95 -13.72 1.37
C TYR A 162 3.00 -13.89 1.24
N PHE A 163 1.83 -13.56 0.68
CA PHE A 163 0.53 -13.94 1.25
C PHE A 163 -0.25 -14.71 0.20
N LYS A 164 -0.70 -15.90 0.56
CA LYS A 164 -1.56 -16.70 -0.30
C LYS A 164 -2.99 -16.58 0.21
N PHE A 165 -3.88 -16.05 -0.63
CA PHE A 165 -5.27 -15.77 -0.32
C PHE A 165 -6.18 -16.75 -1.05
N GLN A 166 -7.31 -17.05 -0.43
CA GLN A 166 -8.43 -17.65 -1.14
C GLN A 166 -9.55 -16.63 -1.07
N GLY A 167 -9.95 -16.11 -2.22
CA GLY A 167 -10.86 -14.99 -2.19
C GLY A 167 -10.13 -13.78 -1.63
N GLN A 168 -10.89 -12.83 -1.13
CA GLN A 168 -10.30 -11.58 -0.65
C GLN A 168 -10.26 -11.46 0.85
N ASP A 169 -10.71 -12.49 1.59
CA ASP A 169 -10.82 -12.37 3.03
C ASP A 169 -9.99 -13.39 3.79
N THR A 170 -9.54 -14.46 3.14
CA THR A 170 -8.90 -15.57 3.85
C THR A 170 -7.43 -15.71 3.48
N ILE A 171 -6.54 -15.62 4.46
CA ILE A 171 -5.13 -15.89 4.26
C ILE A 171 -4.92 -17.38 4.52
N LEU A 172 -4.57 -18.14 3.47
CA LEU A 172 -4.30 -19.56 3.64
C LEU A 172 -2.93 -19.80 4.27
N ASP A 173 -1.92 -19.07 3.83
CA ASP A 173 -0.55 -19.21 4.32
C ASP A 173 0.17 -17.91 4.01
N TYR A 174 1.25 -17.67 4.73
CA TYR A 174 2.04 -16.46 4.48
C TYR A 174 3.46 -16.63 4.99
N THR A 175 4.34 -15.78 4.48
CA THR A 175 5.65 -15.57 5.08
C THR A 175 5.89 -14.07 5.15
N LEU A 176 6.61 -13.64 6.18
CA LEU A 176 6.89 -12.22 6.35
C LEU A 176 8.16 -12.08 7.15
N ARG A 177 9.17 -11.47 6.57
CA ARG A 177 10.45 -11.33 7.26
C ARG A 177 10.92 -9.90 7.13
N GLU A 178 11.55 -9.39 8.18
CA GLU A 178 12.19 -8.10 8.11
C GLU A 178 13.49 -8.19 7.35
N VAL A 179 13.81 -7.13 6.61
CA VAL A 179 15.02 -7.09 5.79
C VAL A 179 15.71 -5.75 6.00
N ASP A 180 16.98 -5.71 5.64
CA ASP A 180 17.72 -4.46 5.62
C ASP A 180 17.73 -3.77 4.27
N THR A 181 17.52 -4.53 3.18
CA THR A 181 17.51 -4.01 1.83
C THR A 181 16.25 -4.50 1.16
N VAL A 182 15.38 -3.58 0.77
CA VAL A 182 14.13 -3.96 0.14
C VAL A 182 14.34 -4.46 -1.28
C10 BSW B . -3.49 -5.34 -3.56
C10 BSW B . -3.70 -5.31 -3.59
C15 BSW B . -4.26 -4.22 -3.85
C15 BSW B . -3.00 -5.76 -4.71
C01 BSW B . -2.78 -3.80 -0.78
C01 BSW B . -2.85 -3.79 -0.82
C02 BSW B . -2.61 -3.68 0.61
C02 BSW B . -2.60 -3.69 0.56
C04 BSW B . -3.23 -5.83 0.21
C04 BSW B . -3.21 -5.85 0.16
C05 BSW B . -3.17 -5.18 -1.05
C05 BSW B . -3.24 -5.17 -1.09
C06 BSW B . -3.48 -5.94 -2.22
C06 BSW B . -3.60 -5.92 -2.26
C07 BSW B . -3.85 -7.29 -2.07
C07 BSW B . -3.93 -7.29 -2.12
C08 BSW B . -3.87 -7.85 -0.77
C08 BSW B . -3.87 -7.87 -0.83
C11 BSW B . -2.74 -5.92 -4.62
C11 BSW B . -4.61 -4.25 -3.81
C12 BSW B . -2.79 -5.32 -5.91
C12 BSW B . -4.72 -3.68 -5.11
C14 BSW B . -4.29 -3.65 -5.14
C14 BSW B . -3.12 -5.19 -5.98
F16 BSW B . -5.03 -3.62 -2.85
F16 BSW B . -2.09 -6.83 -4.54
N03 BSW B . -2.91 -4.92 1.20
N03 BSW B . -2.84 -4.95 1.15
N09 BSW B . -3.57 -7.14 0.33
N09 BSW B . -3.53 -7.17 0.27
N13 BSW B . -3.56 -4.21 -6.12
N13 BSW B . -3.99 -4.16 -6.15
S SO4 C . 15.51 4.44 0.10
O1 SO4 C . 15.01 5.02 1.34
O2 SO4 C . 16.27 5.47 -0.62
O3 SO4 C . 14.41 3.98 -0.75
O4 SO4 C . 16.37 3.31 0.39
S SO4 D . -4.60 -3.77 -17.43
O1 SO4 D . -4.83 -4.02 -16.00
O2 SO4 D . -3.46 -2.87 -17.58
O3 SO4 D . -4.33 -5.03 -18.13
O4 SO4 D . -5.79 -3.16 -18.03
#